data_6YT6
#
_entry.id   6YT6
#
_cell.length_a   45.348
_cell.length_b   51.345
_cell.length_c   67.069
_cell.angle_alpha   99.360
_cell.angle_beta   102.890
_cell.angle_gamma   92.500
#
_symmetry.space_group_name_H-M   'P 1'
#
loop_
_entity.id
_entity.type
_entity.pdbx_description
1 polymer 'Focal adhesion kinase 1'
2 non-polymer ~{N}-methyl-~{N}-[3-[[[2-[(2-oxidanylidene-1,3-dihydroindol-5-yl)amino]pyrimidin-4-yl]amino]methyl]pyridin-2-yl]methanesulfonamide
3 non-polymer 'SULFATE ION'
4 water water
#
_entity_poly.entity_id   1
_entity_poly.type   'polypeptide(L)'
_entity_poly.pdbx_seq_one_letter_code
;GSGSTRDYEIQRERIELGRCIGEGQFGDVHQGIYMSPENPALAVAIKTCKNCTSDSVREKFLQEALTMRQFDHPHIVKLI
GVITENPVWIIMELCTLGELRSFLQVRKYSLDLASLILYAYQLSTALAYLESKRFVHRDIAARNVLVSSNDCVKLGDFGL
SRYMEDSTYYKASKGKLPIKWMAPESINFRRFTSASDVWMFGVCMWEILMHGVKPFQGVKNNDVIGRIENGERLPMPPNC
PPTLYSLMTKCWAYDPSRRPRFTELKAQLSTILEEEKAQQEE
;
_entity_poly.pdbx_strand_id   A,B
#
loop_
_chem_comp.id
_chem_comp.type
_chem_comp.name
_chem_comp.formula
PKE non-polymer ~{N}-methyl-~{N}-[3-[[[2-[(2-oxidanylidene-1,3-dihydroindol-5-yl)amino]pyrimidin-4-yl]amino]methyl]pyridin-2-yl]methanesulfonamide 'C20 H21 N7 O3 S'
SO4 non-polymer 'SULFATE ION' 'O4 S -2'
#
# COMPACT_ATOMS: atom_id res chain seq x y z
N ASP A 7 -18.02 4.34 7.79
CA ASP A 7 -19.01 5.11 7.04
C ASP A 7 -18.68 5.23 5.55
N TYR A 8 -19.22 4.32 4.73
CA TYR A 8 -18.98 4.35 3.29
C TYR A 8 -19.92 5.32 2.54
N GLU A 9 -20.87 5.97 3.23
CA GLU A 9 -21.79 6.91 2.56
C GLU A 9 -21.04 8.16 2.13
N ILE A 10 -21.02 8.44 0.82
CA ILE A 10 -20.34 9.59 0.26
C ILE A 10 -21.32 10.72 -0.03
N GLN A 11 -20.94 11.98 0.26
CA GLN A 11 -21.78 13.13 -0.04
C GLN A 11 -21.64 13.42 -1.52
N ARG A 12 -22.77 13.60 -2.24
CA ARG A 12 -22.74 13.83 -3.69
C ARG A 12 -21.94 15.04 -4.13
N GLU A 13 -21.93 16.12 -3.33
CA GLU A 13 -21.16 17.32 -3.67
C GLU A 13 -19.65 17.06 -3.78
N ARG A 14 -19.16 15.98 -3.16
CA ARG A 14 -17.75 15.59 -3.24
C ARG A 14 -17.43 14.79 -4.50
N ILE A 15 -18.44 14.42 -5.30
CA ILE A 15 -18.27 13.65 -6.52
C ILE A 15 -18.52 14.54 -7.72
N GLU A 16 -17.60 14.52 -8.69
CA GLU A 16 -17.75 15.29 -9.91
C GLU A 16 -17.88 14.26 -11.00
N LEU A 17 -19.10 14.05 -11.49
CA LEU A 17 -19.38 13.06 -12.52
C LEU A 17 -18.74 13.45 -13.85
N GLY A 18 -18.00 12.53 -14.44
CA GLY A 18 -17.30 12.75 -15.68
C GLY A 18 -17.84 11.89 -16.80
N ARG A 19 -16.96 11.50 -17.74
CA ARG A 19 -17.18 10.71 -18.97
C ARG A 19 -17.78 9.30 -18.81
N CYS A 20 -18.76 8.89 -19.68
CA CYS A 20 -19.28 7.51 -19.66
C CYS A 20 -18.23 6.55 -20.26
N ILE A 21 -17.87 5.50 -19.54
CA ILE A 21 -16.89 4.50 -19.98
C ILE A 21 -17.48 3.12 -20.33
N GLY A 22 -18.77 2.95 -20.17
CA GLY A 22 -19.40 1.66 -20.46
C GLY A 22 -20.79 1.53 -19.91
N GLU A 23 -21.39 0.40 -20.21
CA GLU A 23 -22.73 0.07 -19.78
C GLU A 23 -22.63 -1.13 -18.87
N GLY A 24 -23.02 -0.96 -17.63
CA GLY A 24 -23.08 -2.05 -16.68
C GLY A 24 -24.44 -2.72 -16.74
N GLN A 25 -24.60 -3.79 -15.97
CA GLN A 25 -25.86 -4.51 -15.90
C GLN A 25 -27.00 -3.62 -15.38
N PHE A 26 -26.68 -2.61 -14.55
CA PHE A 26 -27.71 -1.75 -13.97
C PHE A 26 -27.83 -0.35 -14.55
N GLY A 27 -26.84 0.07 -15.32
CA GLY A 27 -26.83 1.39 -15.91
C GLY A 27 -25.45 1.80 -16.38
N ASP A 28 -25.34 3.04 -16.86
CA ASP A 28 -24.06 3.54 -17.35
C ASP A 28 -23.01 3.64 -16.25
N VAL A 29 -21.74 3.43 -16.61
CA VAL A 29 -20.61 3.55 -15.71
C VAL A 29 -19.80 4.73 -16.19
N HIS A 30 -19.42 5.61 -15.28
CA HIS A 30 -18.67 6.81 -15.63
C HIS A 30 -17.32 6.86 -14.91
N GLN A 31 -16.42 7.71 -15.40
CA GLN A 31 -15.17 8.08 -14.74
C GLN A 31 -15.56 9.37 -13.98
N GLY A 32 -14.78 9.73 -12.96
CA GLY A 32 -15.08 10.94 -12.22
C GLY A 32 -14.02 11.35 -11.23
N ILE A 33 -14.34 12.32 -10.37
CA ILE A 33 -13.39 12.81 -9.38
C ILE A 33 -14.04 12.79 -8.02
N TYR A 34 -13.31 12.36 -7.01
CA TYR A 34 -13.81 12.35 -5.65
C TYR A 34 -12.89 13.26 -4.84
N MET A 35 -13.42 14.37 -4.33
CA MET A 35 -12.62 15.30 -3.53
C MET A 35 -12.96 15.06 -2.06
N SER A 36 -12.06 14.36 -1.36
CA SER A 36 -12.23 14.05 0.06
C SER A 36 -12.17 15.31 0.92
N ASN A 39 -7.13 14.61 2.19
CA ASN A 39 -6.83 13.90 0.94
C ASN A 39 -7.18 14.71 -0.31
N PRO A 40 -6.22 14.87 -1.24
CA PRO A 40 -6.50 15.63 -2.47
C PRO A 40 -7.42 14.88 -3.43
N ALA A 41 -7.97 15.58 -4.44
CA ALA A 41 -8.88 14.96 -5.43
C ALA A 41 -8.31 13.69 -6.06
N LEU A 42 -9.10 12.58 -6.07
CA LEU A 42 -8.72 11.23 -6.54
C LEU A 42 -9.56 10.75 -7.74
N ALA A 43 -8.98 9.88 -8.59
CA ALA A 43 -9.65 9.31 -9.77
C ALA A 43 -10.58 8.20 -9.38
N VAL A 44 -11.87 8.29 -9.76
CA VAL A 44 -12.81 7.23 -9.39
C VAL A 44 -13.68 6.74 -10.57
N ALA A 45 -14.22 5.54 -10.43
CA ALA A 45 -15.20 4.95 -11.35
C ALA A 45 -16.54 5.06 -10.62
N ILE A 46 -17.57 5.49 -11.32
CA ILE A 46 -18.91 5.61 -10.75
C ILE A 46 -19.90 4.72 -11.49
N LYS A 47 -20.43 3.70 -10.82
CA LYS A 47 -21.46 2.86 -11.43
C LYS A 47 -22.79 3.51 -11.07
N THR A 48 -23.63 3.70 -12.06
CA THR A 48 -24.96 4.25 -11.88
C THR A 48 -26.03 3.15 -12.04
N CYS A 49 -27.28 3.43 -11.65
CA CYS A 49 -28.32 2.43 -11.65
C CYS A 49 -29.63 3.07 -12.09
N LYS A 50 -29.96 2.86 -13.37
CA LYS A 50 -31.12 3.38 -14.06
C LYS A 50 -32.43 3.19 -13.29
N ASN A 51 -32.63 2.02 -12.65
CA ASN A 51 -33.90 1.75 -11.99
C ASN A 51 -33.84 1.58 -10.48
N CYS A 52 -32.85 2.17 -9.81
CA CYS A 52 -32.72 1.99 -8.38
C CYS A 52 -33.79 2.70 -7.52
N THR A 53 -34.76 3.37 -8.16
CA THR A 53 -35.93 3.89 -7.40
C THR A 53 -36.71 2.68 -6.79
N SER A 54 -36.62 1.50 -7.46
CA SER A 54 -37.21 0.24 -7.08
C SER A 54 -36.30 -0.38 -6.05
N ASP A 55 -36.86 -0.70 -4.87
CA ASP A 55 -36.12 -1.33 -3.79
C ASP A 55 -35.47 -2.65 -4.18
N SER A 56 -36.17 -3.47 -5.00
CA SER A 56 -35.63 -4.74 -5.44
C SER A 56 -34.40 -4.53 -6.32
N VAL A 57 -34.47 -3.56 -7.25
CA VAL A 57 -33.32 -3.27 -8.11
C VAL A 57 -32.16 -2.73 -7.26
N ARG A 58 -32.47 -1.79 -6.35
CA ARG A 58 -31.48 -1.18 -5.46
C ARG A 58 -30.74 -2.19 -4.62
N GLU A 59 -31.46 -3.15 -4.02
CA GLU A 59 -30.83 -4.19 -3.21
C GLU A 59 -29.83 -5.02 -4.04
N LYS A 60 -30.21 -5.41 -5.27
CA LYS A 60 -29.31 -6.20 -6.11
C LYS A 60 -28.09 -5.38 -6.56
N PHE A 61 -28.34 -4.12 -6.92
CA PHE A 61 -27.25 -3.22 -7.34
C PHE A 61 -26.26 -3.00 -6.21
N LEU A 62 -26.77 -2.65 -5.03
CA LEU A 62 -25.92 -2.34 -3.89
C LEU A 62 -25.29 -3.55 -3.22
N GLN A 63 -25.70 -4.78 -3.56
CA GLN A 63 -25.09 -5.98 -2.99
C GLN A 63 -23.61 -6.06 -3.36
N GLU A 64 -23.23 -5.59 -4.56
CA GLU A 64 -21.82 -5.60 -4.94
C GLU A 64 -20.97 -4.76 -4.00
N ALA A 65 -21.51 -3.61 -3.56
CA ALA A 65 -20.80 -2.72 -2.63
C ALA A 65 -20.65 -3.43 -1.26
N LEU A 66 -21.71 -4.10 -0.78
CA LEU A 66 -21.67 -4.82 0.50
C LEU A 66 -20.59 -5.91 0.44
N THR A 67 -20.51 -6.60 -0.69
CA THR A 67 -19.50 -7.66 -0.89
C THR A 67 -18.10 -7.10 -0.96
N MET A 68 -17.90 -6.04 -1.74
CA MET A 68 -16.56 -5.45 -1.93
C MET A 68 -15.97 -4.81 -0.70
N ARG A 69 -16.80 -4.30 0.19
CA ARG A 69 -16.45 -3.68 1.47
C ARG A 69 -15.53 -4.60 2.31
N GLN A 70 -15.74 -5.90 2.19
CA GLN A 70 -15.07 -6.95 2.94
C GLN A 70 -13.61 -7.22 2.54
N PHE A 71 -13.19 -6.72 1.38
CA PHE A 71 -11.88 -7.07 0.84
C PHE A 71 -10.83 -5.96 0.88
N ASP A 72 -9.55 -6.37 1.03
CA ASP A 72 -8.43 -5.45 1.00
C ASP A 72 -7.27 -6.23 0.39
N HIS A 73 -7.07 -6.11 -0.93
CA HIS A 73 -6.00 -6.80 -1.63
C HIS A 73 -5.45 -5.91 -2.78
N PRO A 74 -4.13 -5.92 -3.01
CA PRO A 74 -3.57 -5.11 -4.12
C PRO A 74 -4.11 -5.39 -5.51
N HIS A 75 -4.72 -6.57 -5.72
CA HIS A 75 -5.24 -6.90 -7.04
C HIS A 75 -6.74 -7.11 -7.07
N ILE A 76 -7.43 -6.45 -6.15
CA ILE A 76 -8.89 -6.40 -6.13
C ILE A 76 -9.25 -4.92 -6.07
N VAL A 77 -10.17 -4.49 -6.95
CA VAL A 77 -10.61 -3.08 -6.98
C VAL A 77 -11.22 -2.70 -5.64
N LYS A 78 -10.82 -1.54 -5.13
CA LYS A 78 -11.28 -1.03 -3.86
C LYS A 78 -12.62 -0.30 -3.98
N LEU A 79 -13.50 -0.49 -2.99
CA LEU A 79 -14.74 0.25 -2.92
C LEU A 79 -14.42 1.56 -2.19
N ILE A 80 -14.79 2.69 -2.76
CA ILE A 80 -14.58 3.98 -2.11
C ILE A 80 -15.80 4.29 -1.25
N GLY A 81 -16.99 4.15 -1.83
CA GLY A 81 -18.21 4.41 -1.08
C GLY A 81 -19.45 4.27 -1.91
N VAL A 82 -20.60 4.62 -1.33
CA VAL A 82 -21.89 4.56 -2.01
C VAL A 82 -22.69 5.83 -1.74
N ILE A 83 -23.62 6.14 -2.65
CA ILE A 83 -24.54 7.25 -2.47
C ILE A 83 -25.87 6.57 -2.61
N THR A 84 -26.66 6.49 -1.52
CA THR A 84 -27.89 5.70 -1.54
C THR A 84 -29.18 6.49 -1.69
N GLU A 85 -29.09 7.80 -1.95
CA GLU A 85 -30.26 8.58 -2.30
C GLU A 85 -30.29 8.62 -3.85
N ASN A 86 -31.48 8.66 -4.46
CA ASN A 86 -31.60 8.67 -5.93
C ASN A 86 -30.93 9.92 -6.53
N PRO A 87 -30.12 9.77 -7.59
CA PRO A 87 -29.77 8.51 -8.26
C PRO A 87 -28.68 7.76 -7.50
N VAL A 88 -28.92 6.47 -7.25
CA VAL A 88 -27.98 5.65 -6.47
C VAL A 88 -26.70 5.32 -7.26
N TRP A 89 -25.53 5.54 -6.64
CA TRP A 89 -24.21 5.28 -7.23
C TRP A 89 -23.27 4.47 -6.32
N ILE A 90 -22.36 3.72 -6.95
CA ILE A 90 -21.31 2.98 -6.27
C ILE A 90 -20.02 3.62 -6.76
N ILE A 91 -19.16 4.05 -5.84
CA ILE A 91 -17.91 4.71 -6.20
C ILE A 91 -16.77 3.73 -5.92
N MET A 92 -15.93 3.44 -6.92
CA MET A 92 -14.80 2.53 -6.80
C MET A 92 -13.52 3.19 -7.26
N GLU A 93 -12.38 2.61 -6.87
CA GLU A 93 -11.06 3.05 -7.31
C GLU A 93 -10.99 2.85 -8.84
N LEU A 94 -10.52 3.84 -9.59
CA LEU A 94 -10.47 3.71 -11.05
C LEU A 94 -9.24 2.93 -11.52
N CYS A 95 -9.46 1.92 -12.38
CA CYS A 95 -8.36 1.24 -13.05
C CYS A 95 -8.33 1.95 -14.39
N THR A 96 -7.46 2.93 -14.55
CA THR A 96 -7.45 3.82 -15.71
C THR A 96 -7.32 3.16 -17.07
N LEU A 97 -6.67 1.98 -17.19
CA LEU A 97 -6.49 1.39 -18.52
C LEU A 97 -7.66 0.52 -19.00
N GLY A 98 -8.70 0.40 -18.20
CA GLY A 98 -9.92 -0.27 -18.60
C GLY A 98 -9.97 -1.78 -18.56
N GLU A 99 -10.86 -2.33 -19.38
CA GLU A 99 -11.11 -3.77 -19.45
C GLU A 99 -9.94 -4.59 -19.96
N LEU A 100 -9.65 -5.73 -19.30
CA LEU A 100 -8.55 -6.56 -19.70
C LEU A 100 -8.66 -7.10 -21.13
N ARG A 101 -9.86 -7.58 -21.54
CA ARG A 101 -10.03 -8.15 -22.88
C ARG A 101 -9.68 -7.15 -24.00
N SER A 102 -10.19 -5.92 -23.91
CA SER A 102 -9.87 -4.90 -24.93
C SER A 102 -8.41 -4.55 -24.86
N PHE A 103 -7.84 -4.43 -23.64
CA PHE A 103 -6.44 -4.12 -23.46
C PHE A 103 -5.55 -5.16 -24.14
N LEU A 104 -5.87 -6.45 -24.00
CA LEU A 104 -5.08 -7.50 -24.60
C LEU A 104 -5.19 -7.53 -26.11
N GLN A 105 -6.39 -7.26 -26.65
CA GLN A 105 -6.65 -7.24 -28.09
C GLN A 105 -5.86 -6.11 -28.75
N VAL A 106 -5.91 -4.90 -28.15
CA VAL A 106 -5.23 -3.70 -28.66
C VAL A 106 -3.72 -3.81 -28.54
N ARG A 107 -3.25 -4.29 -27.38
CA ARG A 107 -1.80 -4.39 -27.14
C ARG A 107 -1.21 -5.75 -27.51
N LYS A 108 -1.94 -6.60 -28.24
CA LYS A 108 -1.51 -7.95 -28.58
C LYS A 108 -0.05 -8.08 -29.04
N TYR A 109 0.35 -7.37 -30.10
CA TYR A 109 1.70 -7.52 -30.64
C TYR A 109 2.76 -6.65 -29.95
N SER A 110 2.40 -5.95 -28.88
CA SER A 110 3.35 -5.13 -28.13
C SER A 110 3.64 -5.74 -26.74
N LEU A 111 2.64 -6.44 -26.16
CA LEU A 111 2.78 -7.09 -24.87
C LEU A 111 3.60 -8.35 -25.01
N ASP A 112 4.60 -8.56 -24.13
CA ASP A 112 5.35 -9.79 -24.16
C ASP A 112 4.63 -10.90 -23.39
N LEU A 113 5.04 -12.14 -23.60
CA LEU A 113 4.50 -13.30 -22.88
C LEU A 113 4.68 -13.12 -21.36
N ALA A 114 5.77 -12.49 -20.92
CA ALA A 114 6.04 -12.22 -19.51
C ALA A 114 4.92 -11.40 -18.87
N SER A 115 4.38 -10.43 -19.62
CA SER A 115 3.26 -9.63 -19.13
C SER A 115 1.99 -10.49 -18.99
N LEU A 116 1.69 -11.38 -19.95
CA LEU A 116 0.49 -12.21 -19.86
C LEU A 116 0.57 -13.14 -18.64
N ILE A 117 1.75 -13.74 -18.43
CA ILE A 117 1.92 -14.62 -17.27
C ILE A 117 1.81 -13.81 -15.98
N LEU A 118 2.37 -12.59 -15.95
CA LEU A 118 2.25 -11.71 -14.77
C LEU A 118 0.79 -11.42 -14.46
N TYR A 119 -0.05 -11.19 -15.48
CA TYR A 119 -1.48 -10.92 -15.22
C TYR A 119 -2.14 -12.16 -14.59
N ALA A 120 -1.83 -13.34 -15.14
CA ALA A 120 -2.39 -14.60 -14.57
C ALA A 120 -1.95 -14.77 -13.11
N TYR A 121 -0.67 -14.46 -12.84
CA TYR A 121 -0.12 -14.57 -11.48
C TYR A 121 -0.82 -13.59 -10.53
N GLN A 122 -0.94 -12.29 -10.92
CA GLN A 122 -1.62 -11.32 -10.06
C GLN A 122 -3.05 -11.73 -9.76
N LEU A 123 -3.76 -12.24 -10.77
CA LEU A 123 -5.14 -12.69 -10.54
C LEU A 123 -5.14 -13.87 -9.57
N SER A 124 -4.15 -14.79 -9.72
CA SER A 124 -4.05 -15.92 -8.78
C SER A 124 -3.82 -15.44 -7.34
N THR A 125 -3.11 -14.31 -7.12
CA THR A 125 -2.90 -13.83 -5.74
C THR A 125 -4.20 -13.28 -5.16
N ALA A 126 -5.00 -12.58 -6.00
CA ALA A 126 -6.29 -12.07 -5.52
C ALA A 126 -7.21 -13.26 -5.18
N LEU A 127 -7.22 -14.29 -6.03
CA LEU A 127 -8.06 -15.46 -5.80
C LEU A 127 -7.58 -16.32 -4.62
N ALA A 128 -6.25 -16.37 -4.36
CA ALA A 128 -5.73 -17.07 -3.17
C ALA A 128 -6.24 -16.30 -1.92
N TYR A 129 -6.25 -14.93 -2.00
CA TYR A 129 -6.74 -14.12 -0.90
C TYR A 129 -8.24 -14.41 -0.66
N LEU A 130 -9.05 -14.42 -1.72
CA LEU A 130 -10.48 -14.73 -1.56
C LEU A 130 -10.68 -16.16 -1.00
N GLU A 131 -9.90 -17.11 -1.47
CA GLU A 131 -9.93 -18.49 -0.96
C GLU A 131 -9.61 -18.52 0.53
N SER A 132 -8.62 -17.70 1.00
CA SER A 132 -8.27 -17.64 2.40
C SER A 132 -9.41 -17.11 3.29
N LYS A 133 -10.32 -16.33 2.68
CA LYS A 133 -11.52 -15.82 3.36
C LYS A 133 -12.76 -16.70 3.10
N ARG A 134 -12.59 -17.85 2.42
CA ARG A 134 -13.69 -18.75 2.12
C ARG A 134 -14.78 -18.06 1.30
N PHE A 135 -14.34 -17.19 0.37
CA PHE A 135 -15.27 -16.46 -0.49
C PHE A 135 -15.28 -17.15 -1.85
N VAL A 136 -16.46 -17.45 -2.38
CA VAL A 136 -16.61 -18.05 -3.70
C VAL A 136 -17.15 -16.98 -4.65
N HIS A 137 -16.44 -16.68 -5.71
CA HIS A 137 -16.75 -15.60 -6.64
C HIS A 137 -17.87 -15.96 -7.63
N ARG A 138 -17.81 -17.15 -8.24
CA ARG A 138 -18.79 -17.69 -9.18
C ARG A 138 -18.70 -17.16 -10.60
N ASP A 139 -17.91 -16.10 -10.85
CA ASP A 139 -17.91 -15.48 -12.18
C ASP A 139 -16.52 -15.01 -12.59
N ILE A 140 -15.52 -15.88 -12.45
CA ILE A 140 -14.18 -15.55 -12.85
C ILE A 140 -14.09 -15.64 -14.39
N ALA A 141 -13.73 -14.54 -15.01
CA ALA A 141 -13.66 -14.42 -16.46
C ALA A 141 -12.85 -13.16 -16.76
N ALA A 142 -12.19 -13.11 -17.93
CA ALA A 142 -11.37 -11.95 -18.26
C ALA A 142 -12.23 -10.66 -18.34
N ARG A 143 -13.54 -10.79 -18.66
CA ARG A 143 -14.43 -9.63 -18.71
C ARG A 143 -14.55 -8.92 -17.34
N ASN A 144 -14.24 -9.64 -16.23
CA ASN A 144 -14.32 -9.04 -14.92
C ASN A 144 -13.00 -8.51 -14.38
N VAL A 145 -11.96 -8.51 -15.21
CA VAL A 145 -10.67 -8.05 -14.79
C VAL A 145 -10.41 -6.70 -15.44
N LEU A 146 -9.80 -5.80 -14.66
CA LEU A 146 -9.45 -4.47 -15.14
C LEU A 146 -7.94 -4.27 -15.12
N VAL A 147 -7.47 -3.26 -15.86
CA VAL A 147 -6.07 -2.96 -15.96
C VAL A 147 -5.78 -1.62 -15.32
N SER A 148 -4.97 -1.64 -14.25
N SER A 148 -4.97 -1.63 -14.27
CA SER A 148 -4.56 -0.48 -13.47
CA SER A 148 -4.60 -0.39 -13.58
C SER A 148 -3.36 0.24 -14.12
C SER A 148 -3.39 0.27 -14.24
N SER A 149 -2.44 -0.55 -14.66
CA SER A 149 -1.23 -0.09 -15.34
C SER A 149 -0.73 -1.25 -16.22
N ASN A 150 0.26 -1.00 -17.09
CA ASN A 150 0.82 -2.06 -17.93
C ASN A 150 1.32 -3.27 -17.11
N ASP A 151 1.64 -3.07 -15.82
CA ASP A 151 2.11 -4.15 -14.98
C ASP A 151 1.19 -4.44 -13.79
N CYS A 152 -0.10 -4.11 -13.90
CA CYS A 152 -1.04 -4.35 -12.80
C CYS A 152 -2.46 -4.55 -13.25
N VAL A 153 -3.02 -5.71 -12.94
CA VAL A 153 -4.42 -6.00 -13.21
C VAL A 153 -5.16 -6.22 -11.88
N LYS A 154 -6.47 -5.98 -11.87
CA LYS A 154 -7.26 -6.20 -10.65
C LYS A 154 -8.59 -6.84 -10.98
N LEU A 155 -9.07 -7.70 -10.07
CA LEU A 155 -10.40 -8.30 -10.20
C LEU A 155 -11.36 -7.15 -9.84
N GLY A 156 -12.27 -6.82 -10.77
CA GLY A 156 -13.05 -5.60 -10.63
C GLY A 156 -14.54 -5.64 -10.66
N ASP A 157 -15.11 -6.84 -10.58
CA ASP A 157 -16.56 -6.98 -10.60
C ASP A 157 -16.94 -8.13 -9.67
N PHE A 158 -17.84 -7.83 -8.74
CA PHE A 158 -18.41 -8.79 -7.80
C PHE A 158 -19.96 -8.67 -7.86
N GLY A 159 -20.51 -8.24 -9.01
CA GLY A 159 -21.94 -8.01 -9.14
C GLY A 159 -22.78 -9.21 -9.52
N LEU A 160 -22.15 -10.26 -10.06
CA LEU A 160 -22.82 -11.49 -10.52
C LEU A 160 -23.75 -11.21 -11.72
N SER A 161 -23.19 -10.61 -12.76
CA SER A 161 -23.90 -10.24 -13.99
C SER A 161 -24.70 -11.33 -14.67
N LEU A 177 -26.31 -16.96 -18.61
CA LEU A 177 -25.52 -17.91 -17.81
C LEU A 177 -24.13 -18.07 -18.47
N PRO A 178 -23.01 -17.87 -17.74
CA PRO A 178 -21.70 -17.98 -18.40
C PRO A 178 -21.23 -19.43 -18.58
N ILE A 179 -22.04 -20.25 -19.29
CA ILE A 179 -21.80 -21.65 -19.53
C ILE A 179 -20.38 -22.00 -19.98
N LYS A 180 -19.84 -21.24 -20.93
CA LYS A 180 -18.52 -21.52 -21.49
C LYS A 180 -17.36 -21.33 -20.50
N TRP A 181 -17.62 -20.73 -19.32
CA TRP A 181 -16.62 -20.57 -18.26
C TRP A 181 -16.87 -21.49 -17.06
N MET A 182 -18.10 -22.02 -16.93
CA MET A 182 -18.52 -22.75 -15.75
C MET A 182 -18.00 -24.16 -15.62
N ALA A 183 -17.75 -24.55 -14.36
CA ALA A 183 -17.33 -25.90 -14.06
C ALA A 183 -18.51 -26.84 -14.35
N PRO A 184 -18.26 -28.09 -14.74
CA PRO A 184 -19.38 -29.00 -15.06
C PRO A 184 -20.38 -29.16 -13.91
N GLU A 185 -19.90 -29.17 -12.65
CA GLU A 185 -20.83 -29.30 -11.52
C GLU A 185 -21.73 -28.05 -11.35
N SER A 186 -21.23 -26.86 -11.77
CA SER A 186 -22.00 -25.63 -11.72
C SER A 186 -23.10 -25.67 -12.79
N ILE A 187 -22.79 -26.20 -13.99
CA ILE A 187 -23.78 -26.30 -15.06
C ILE A 187 -24.83 -27.37 -14.68
N ASN A 188 -24.37 -28.56 -14.27
CA ASN A 188 -25.24 -29.70 -13.97
C ASN A 188 -26.06 -29.57 -12.70
N PHE A 189 -25.49 -29.01 -11.63
CA PHE A 189 -26.16 -28.99 -10.33
C PHE A 189 -26.29 -27.62 -9.69
N ARG A 190 -25.84 -26.55 -10.36
CA ARG A 190 -25.84 -25.19 -9.78
C ARG A 190 -24.96 -25.13 -8.52
N ARG A 191 -23.91 -25.96 -8.46
CA ARG A 191 -23.03 -26.02 -7.31
C ARG A 191 -21.88 -25.08 -7.59
N PHE A 192 -21.64 -24.12 -6.71
CA PHE A 192 -20.52 -23.18 -6.86
C PHE A 192 -19.69 -23.23 -5.61
N THR A 193 -18.44 -23.65 -5.75
CA THR A 193 -17.53 -23.85 -4.63
C THR A 193 -16.14 -23.26 -4.95
N SER A 194 -15.19 -23.34 -4.01
CA SER A 194 -13.82 -22.92 -4.28
C SER A 194 -13.25 -23.68 -5.51
N ALA A 195 -13.61 -25.00 -5.67
CA ALA A 195 -13.14 -25.80 -6.81
C ALA A 195 -13.69 -25.30 -8.14
N SER A 196 -14.97 -24.83 -8.15
CA SER A 196 -15.53 -24.33 -9.40
C SER A 196 -14.87 -23.02 -9.82
N ASP A 197 -14.48 -22.17 -8.85
CA ASP A 197 -13.73 -20.95 -9.16
C ASP A 197 -12.38 -21.28 -9.83
N VAL A 198 -11.74 -22.39 -9.43
CA VAL A 198 -10.45 -22.79 -10.04
C VAL A 198 -10.65 -23.17 -11.50
N TRP A 199 -11.75 -23.88 -11.80
CA TRP A 199 -12.06 -24.21 -13.21
C TRP A 199 -12.20 -22.90 -14.02
N MET A 200 -12.97 -21.94 -13.49
CA MET A 200 -13.17 -20.65 -14.17
C MET A 200 -11.86 -19.91 -14.32
N PHE A 201 -11.00 -19.94 -13.29
CA PHE A 201 -9.70 -19.30 -13.38
C PHE A 201 -8.84 -19.92 -14.50
N GLY A 202 -8.97 -21.22 -14.71
CA GLY A 202 -8.28 -21.87 -15.83
C GLY A 202 -8.75 -21.30 -17.17
N VAL A 203 -10.08 -21.08 -17.31
CA VAL A 203 -10.62 -20.47 -18.54
C VAL A 203 -10.10 -19.05 -18.65
N CYS A 204 -10.06 -18.30 -17.54
CA CYS A 204 -9.56 -16.92 -17.56
C CYS A 204 -8.10 -16.87 -18.03
N MET A 205 -7.28 -17.80 -17.52
CA MET A 205 -5.87 -17.89 -17.96
C MET A 205 -5.80 -18.19 -19.45
N TRP A 206 -6.67 -19.07 -19.97
CA TRP A 206 -6.70 -19.36 -21.42
C TRP A 206 -7.02 -18.08 -22.21
N GLU A 207 -8.04 -17.31 -21.75
CA GLU A 207 -8.45 -16.04 -22.37
C GLU A 207 -7.28 -15.07 -22.40
N ILE A 208 -6.53 -14.93 -21.31
CA ILE A 208 -5.37 -14.03 -21.26
C ILE A 208 -4.32 -14.46 -22.29
N LEU A 209 -3.97 -15.75 -22.31
CA LEU A 209 -2.97 -16.25 -23.25
C LEU A 209 -3.45 -16.22 -24.72
N MET A 210 -4.78 -16.14 -24.93
CA MET A 210 -5.40 -15.99 -26.24
C MET A 210 -5.60 -14.50 -26.62
N HIS A 211 -5.09 -13.56 -25.81
CA HIS A 211 -5.17 -12.13 -26.05
C HIS A 211 -6.61 -11.64 -26.09
N GLY A 212 -7.44 -12.13 -25.18
CA GLY A 212 -8.82 -11.69 -25.08
C GLY A 212 -9.82 -12.33 -26.01
N VAL A 213 -9.51 -13.51 -26.55
CA VAL A 213 -10.47 -14.25 -27.36
C VAL A 213 -11.39 -15.05 -26.40
N LYS A 214 -12.70 -15.10 -26.69
CA LYS A 214 -13.64 -15.81 -25.82
C LYS A 214 -13.55 -17.33 -26.03
N PRO A 215 -13.77 -18.11 -24.95
CA PRO A 215 -13.75 -19.57 -25.11
C PRO A 215 -14.94 -20.11 -25.90
N PHE A 216 -14.72 -21.19 -26.65
CA PHE A 216 -15.75 -21.89 -27.40
C PHE A 216 -16.52 -20.99 -28.34
N GLN A 217 -15.82 -20.15 -29.11
CA GLN A 217 -16.46 -19.27 -30.09
C GLN A 217 -17.14 -20.12 -31.17
N GLY A 218 -18.40 -19.82 -31.45
CA GLY A 218 -19.15 -20.54 -32.47
C GLY A 218 -19.90 -21.76 -31.99
N VAL A 219 -19.59 -22.23 -30.77
CA VAL A 219 -20.22 -23.42 -30.19
C VAL A 219 -21.45 -23.00 -29.40
N LYS A 220 -22.57 -23.72 -29.55
CA LYS A 220 -23.78 -23.40 -28.78
C LYS A 220 -23.57 -23.76 -27.30
N ASN A 221 -24.13 -22.96 -26.37
CA ASN A 221 -23.99 -23.19 -24.93
C ASN A 221 -24.36 -24.61 -24.50
N ASN A 222 -25.48 -25.16 -25.03
CA ASN A 222 -25.88 -26.51 -24.64
C ASN A 222 -24.96 -27.62 -25.17
N ASP A 223 -24.06 -27.31 -26.12
CA ASP A 223 -23.13 -28.31 -26.63
C ASP A 223 -21.78 -28.36 -25.86
N VAL A 224 -21.46 -27.32 -25.09
CA VAL A 224 -20.22 -27.25 -24.31
C VAL A 224 -20.13 -28.40 -23.33
N ILE A 225 -21.23 -28.63 -22.64
CA ILE A 225 -21.51 -29.62 -21.62
C ILE A 225 -21.08 -31.00 -22.13
N GLY A 226 -21.53 -31.36 -23.34
CA GLY A 226 -21.25 -32.62 -23.99
C GLY A 226 -19.78 -32.79 -24.33
N ARG A 227 -19.15 -31.73 -24.86
CA ARG A 227 -17.73 -31.80 -25.21
C ARG A 227 -16.88 -31.98 -23.96
N ILE A 228 -17.20 -31.26 -22.86
CA ILE A 228 -16.48 -31.39 -21.60
C ILE A 228 -16.59 -32.82 -21.07
N GLU A 229 -17.82 -33.36 -21.03
CA GLU A 229 -18.09 -34.72 -20.58
C GLU A 229 -17.26 -35.74 -21.37
N ASN A 230 -17.10 -35.48 -22.70
CA ASN A 230 -16.31 -36.32 -23.60
C ASN A 230 -14.78 -36.19 -23.39
N GLY A 231 -14.35 -35.41 -22.41
CA GLY A 231 -12.95 -35.20 -22.14
C GLY A 231 -12.28 -34.10 -22.94
N GLU A 232 -13.05 -33.40 -23.81
CA GLU A 232 -12.48 -32.32 -24.61
C GLU A 232 -12.24 -31.08 -23.77
N ARG A 233 -11.18 -30.36 -24.08
CA ARG A 233 -10.83 -29.13 -23.38
C ARG A 233 -10.41 -28.05 -24.40
N LEU A 234 -10.33 -26.77 -23.95
CA LEU A 234 -9.83 -25.66 -24.76
C LEU A 234 -8.38 -25.98 -25.17
N PRO A 235 -8.04 -25.76 -26.46
CA PRO A 235 -6.71 -26.13 -26.93
C PRO A 235 -5.61 -25.19 -26.42
N MET A 236 -4.35 -25.63 -26.51
CA MET A 236 -3.23 -24.81 -26.08
C MET A 236 -3.12 -23.57 -26.95
N PRO A 237 -3.20 -22.37 -26.33
CA PRO A 237 -3.04 -21.14 -27.12
C PRO A 237 -1.69 -21.08 -27.82
N PRO A 238 -1.63 -20.44 -29.01
CA PRO A 238 -0.33 -20.32 -29.70
C PRO A 238 0.67 -19.56 -28.81
N ASN A 239 1.91 -20.07 -28.74
N ASN A 239 1.94 -20.01 -28.74
CA ASN A 239 3.02 -19.53 -27.96
CA ASN A 239 2.99 -19.38 -27.92
C ASN A 239 2.81 -19.61 -26.43
C ASN A 239 2.80 -19.57 -26.39
N CYS A 240 1.78 -20.35 -25.97
CA CYS A 240 1.56 -20.57 -24.53
C CYS A 240 2.61 -21.57 -24.10
N PRO A 241 3.34 -21.30 -23.01
CA PRO A 241 4.33 -22.27 -22.54
C PRO A 241 3.63 -23.56 -22.13
N PRO A 242 4.14 -24.72 -22.58
CA PRO A 242 3.52 -26.00 -22.21
C PRO A 242 3.29 -26.18 -20.70
N THR A 243 4.14 -25.58 -19.86
CA THR A 243 3.97 -25.67 -18.41
C THR A 243 2.69 -24.94 -17.96
N LEU A 244 2.41 -23.80 -18.60
CA LEU A 244 1.21 -23.04 -18.29
C LEU A 244 -0.04 -23.76 -18.77
N TYR A 245 0.03 -24.39 -19.96
CA TYR A 245 -1.12 -25.14 -20.46
C TYR A 245 -1.38 -26.35 -19.57
N SER A 246 -0.33 -27.01 -19.07
CA SER A 246 -0.50 -28.14 -18.15
C SER A 246 -1.23 -27.68 -16.87
N LEU A 247 -0.90 -26.48 -16.39
CA LEU A 247 -1.56 -25.90 -15.23
C LEU A 247 -3.06 -25.65 -15.53
N MET A 248 -3.39 -25.14 -16.73
CA MET A 248 -4.80 -24.95 -17.15
C MET A 248 -5.53 -26.29 -17.14
N THR A 249 -4.89 -27.34 -17.69
CA THR A 249 -5.54 -28.65 -17.74
C THR A 249 -5.83 -29.21 -16.33
N LYS A 250 -5.00 -28.85 -15.35
CA LYS A 250 -5.24 -29.27 -13.96
C LYS A 250 -6.45 -28.55 -13.40
N CYS A 251 -6.62 -27.26 -13.76
CA CYS A 251 -7.81 -26.51 -13.34
C CYS A 251 -9.08 -27.13 -13.91
N TRP A 252 -8.96 -27.81 -15.06
CA TRP A 252 -10.10 -28.40 -15.74
C TRP A 252 -10.27 -29.88 -15.50
N ALA A 253 -9.88 -30.36 -14.30
CA ALA A 253 -10.19 -31.74 -13.93
C ALA A 253 -11.73 -31.85 -13.80
N TYR A 254 -12.36 -32.89 -14.36
CA TYR A 254 -13.82 -33.03 -14.28
C TYR A 254 -14.24 -33.16 -12.81
N ASP A 255 -13.46 -33.96 -12.05
CA ASP A 255 -13.66 -34.19 -10.63
C ASP A 255 -13.14 -32.94 -9.90
N PRO A 256 -14.04 -32.21 -9.23
CA PRO A 256 -13.61 -30.98 -8.51
C PRO A 256 -12.52 -31.23 -7.49
N SER A 257 -12.56 -32.40 -6.80
CA SER A 257 -11.55 -32.70 -5.79
C SER A 257 -10.15 -32.86 -6.34
N ARG A 258 -10.00 -33.05 -7.67
CA ARG A 258 -8.70 -33.19 -8.29
C ARG A 258 -8.05 -31.85 -8.73
N ARG A 259 -8.80 -30.75 -8.67
CA ARG A 259 -8.28 -29.44 -9.07
C ARG A 259 -7.37 -28.84 -8.01
N PRO A 260 -6.29 -28.15 -8.41
CA PRO A 260 -5.46 -27.51 -7.39
C PRO A 260 -6.18 -26.40 -6.65
N ARG A 261 -5.63 -25.99 -5.52
CA ARG A 261 -6.10 -24.83 -4.79
C ARG A 261 -5.23 -23.62 -5.23
N PHE A 262 -5.65 -22.40 -4.86
CA PHE A 262 -4.95 -21.19 -5.32
C PHE A 262 -3.55 -21.03 -4.71
N THR A 263 -3.25 -21.58 -3.52
CA THR A 263 -1.89 -21.49 -2.96
C THR A 263 -0.88 -22.16 -3.92
N GLU A 264 -1.28 -23.30 -4.48
CA GLU A 264 -0.39 -24.03 -5.40
C GLU A 264 -0.38 -23.37 -6.78
N LEU A 265 -1.53 -22.86 -7.23
CA LEU A 265 -1.59 -22.16 -8.53
C LEU A 265 -0.68 -20.93 -8.50
N LYS A 266 -0.71 -20.17 -7.43
CA LYS A 266 0.10 -18.97 -7.23
C LYS A 266 1.60 -19.32 -7.23
N ALA A 267 1.97 -20.37 -6.51
CA ALA A 267 3.37 -20.78 -6.46
C ALA A 267 3.85 -21.24 -7.84
N GLN A 268 3.03 -22.04 -8.54
CA GLN A 268 3.42 -22.55 -9.86
C GLN A 268 3.51 -21.42 -10.90
N LEU A 269 2.59 -20.46 -10.84
CA LEU A 269 2.60 -19.31 -11.75
C LEU A 269 3.83 -18.44 -11.49
N SER A 270 4.23 -18.26 -10.23
CA SER A 270 5.43 -17.50 -9.91
C SER A 270 6.67 -18.13 -10.56
N THR A 271 6.77 -19.48 -10.52
CA THR A 271 7.88 -20.18 -11.14
C THR A 271 7.85 -20.00 -12.66
N ILE A 272 6.68 -20.15 -13.28
CA ILE A 272 6.52 -20.02 -14.73
C ILE A 272 6.90 -18.61 -15.19
N LEU A 273 6.50 -17.60 -14.40
CA LEU A 273 6.81 -16.20 -14.66
C LEU A 273 8.32 -15.96 -14.62
N GLU A 274 8.99 -16.50 -13.59
CA GLU A 274 10.45 -16.33 -13.49
C GLU A 274 11.19 -17.05 -14.61
N GLU A 275 10.69 -18.24 -15.04
CA GLU A 275 11.28 -18.98 -16.14
C GLU A 275 11.15 -18.19 -17.44
N GLU A 276 10.03 -17.50 -17.65
CA GLU A 276 9.84 -16.69 -18.85
C GLU A 276 10.69 -15.41 -18.80
N LYS A 277 10.80 -14.76 -17.63
CA LYS A 277 11.63 -13.56 -17.47
C LYS A 277 13.10 -13.85 -17.81
N ALA A 278 13.58 -15.04 -17.43
CA ALA A 278 14.97 -15.46 -17.70
C ALA A 278 15.20 -15.74 -19.19
N GLN A 279 14.17 -16.31 -19.86
CA GLN A 279 14.13 -16.67 -21.28
C GLN A 279 15.00 -17.87 -21.62
N ASP B 7 16.00 -4.37 -7.75
CA ASP B 7 17.15 -3.47 -7.81
C ASP B 7 17.94 -3.53 -6.49
N TYR B 8 17.23 -3.46 -5.36
CA TYR B 8 17.87 -3.53 -4.06
C TYR B 8 17.54 -4.85 -3.36
N GLU B 9 17.48 -5.94 -4.13
CA GLU B 9 17.23 -7.27 -3.59
C GLU B 9 18.53 -7.87 -3.04
N ILE B 10 18.53 -8.22 -1.75
CA ILE B 10 19.70 -8.78 -1.07
C ILE B 10 19.56 -10.30 -0.92
N GLN B 11 20.66 -11.04 -1.07
CA GLN B 11 20.65 -12.48 -0.85
C GLN B 11 20.70 -12.71 0.66
N ARG B 12 19.83 -13.59 1.19
CA ARG B 12 19.76 -13.86 2.62
C ARG B 12 21.07 -14.36 3.24
N GLU B 13 21.84 -15.17 2.50
CA GLU B 13 23.12 -15.68 3.00
C GLU B 13 24.13 -14.57 3.34
N ARG B 14 23.95 -13.36 2.77
CA ARG B 14 24.81 -12.23 3.07
C ARG B 14 24.41 -11.48 4.37
N ILE B 15 23.41 -11.98 5.10
CA ILE B 15 22.96 -11.34 6.34
C ILE B 15 23.19 -12.27 7.52
N GLU B 16 23.88 -11.77 8.55
CA GLU B 16 24.09 -12.52 9.78
C GLU B 16 23.13 -11.87 10.78
N LEU B 17 22.02 -12.54 11.08
CA LEU B 17 21.00 -12.02 11.98
C LEU B 17 21.54 -11.98 13.41
N GLY B 18 21.36 -10.85 14.06
CA GLY B 18 21.82 -10.64 15.43
C GLY B 18 20.68 -10.49 16.40
N ARG B 19 20.92 -9.80 17.52
CA ARG B 19 19.91 -9.69 18.57
C ARG B 19 18.74 -8.78 18.26
N CYS B 20 17.61 -9.06 18.92
CA CYS B 20 16.42 -8.24 18.75
C CYS B 20 16.64 -6.92 19.49
N ILE B 21 16.44 -5.79 18.79
CA ILE B 21 16.61 -4.46 19.36
C ILE B 21 15.31 -3.71 19.62
N GLY B 22 14.17 -4.31 19.27
CA GLY B 22 12.87 -3.71 19.49
C GLY B 22 11.73 -4.34 18.70
N GLU B 23 10.55 -3.78 18.86
CA GLU B 23 9.33 -4.21 18.19
C GLU B 23 8.86 -3.08 17.30
N GLY B 24 8.82 -3.32 16.01
CA GLY B 24 8.27 -2.37 15.06
C GLY B 24 6.77 -2.59 14.88
N GLN B 25 6.14 -1.76 14.06
CA GLN B 25 4.71 -1.87 13.79
C GLN B 25 4.36 -3.21 13.12
N PHE B 26 5.29 -3.81 12.38
CA PHE B 26 5.01 -5.08 11.68
C PHE B 26 5.63 -6.31 12.30
N GLY B 27 6.60 -6.14 13.19
CA GLY B 27 7.26 -7.27 13.82
C GLY B 27 8.58 -6.86 14.45
N ASP B 28 9.32 -7.86 14.97
CA ASP B 28 10.61 -7.61 15.63
C ASP B 28 11.64 -6.99 14.72
N VAL B 29 12.50 -6.14 15.28
CA VAL B 29 13.61 -5.51 14.58
C VAL B 29 14.88 -6.04 15.19
N HIS B 30 15.81 -6.48 14.36
CA HIS B 30 17.08 -7.01 14.85
C HIS B 30 18.25 -6.21 14.34
N GLN B 31 19.38 -6.31 15.04
CA GLN B 31 20.61 -5.74 14.49
C GLN B 31 21.28 -6.94 13.83
N GLY B 32 22.18 -6.68 12.91
CA GLY B 32 22.87 -7.75 12.20
C GLY B 32 24.06 -7.23 11.42
N ILE B 33 24.53 -8.06 10.51
CA ILE B 33 25.71 -7.72 9.72
C ILE B 33 25.44 -8.09 8.28
N TYR B 34 25.83 -7.21 7.36
CA TYR B 34 25.65 -7.44 5.95
C TYR B 34 27.04 -7.56 5.32
N MET B 35 27.28 -8.69 4.68
CA MET B 35 28.55 -8.99 4.01
C MET B 35 28.42 -8.72 2.52
N SER B 36 29.35 -7.95 1.95
CA SER B 36 29.35 -7.67 0.51
C SER B 36 30.74 -7.93 -0.06
N PRO B 37 30.85 -8.33 -1.34
CA PRO B 37 32.18 -8.64 -1.89
C PRO B 37 33.13 -7.46 -2.04
N GLU B 38 32.59 -6.25 -2.21
CA GLU B 38 33.44 -5.08 -2.44
C GLU B 38 33.57 -4.13 -1.24
N ASN B 39 32.79 -4.34 -0.18
CA ASN B 39 32.85 -3.47 0.99
C ASN B 39 33.09 -4.26 2.27
N PRO B 40 33.66 -3.63 3.31
CA PRO B 40 33.77 -4.31 4.59
C PRO B 40 32.38 -4.62 5.16
N ALA B 41 32.29 -5.61 6.06
CA ALA B 41 31.02 -6.01 6.69
C ALA B 41 30.37 -4.82 7.38
N LEU B 42 29.07 -4.63 7.15
CA LEU B 42 28.38 -3.47 7.66
C LEU B 42 27.33 -3.82 8.72
N ALA B 43 27.29 -3.11 9.84
CA ALA B 43 26.27 -3.35 10.86
C ALA B 43 24.95 -2.82 10.30
N VAL B 44 23.91 -3.62 10.34
CA VAL B 44 22.61 -3.20 9.78
C VAL B 44 21.46 -3.44 10.78
N ALA B 45 20.33 -2.76 10.55
CA ALA B 45 19.09 -3.02 11.27
C ALA B 45 18.25 -3.85 10.27
N ILE B 46 17.55 -4.84 10.79
CA ILE B 46 16.74 -5.74 9.97
C ILE B 46 15.32 -5.73 10.50
N LYS B 47 14.40 -5.13 9.74
CA LYS B 47 12.99 -5.15 10.13
C LYS B 47 12.38 -6.41 9.59
N THR B 48 11.64 -7.12 10.44
CA THR B 48 10.92 -8.35 10.05
C THR B 48 9.41 -8.08 10.09
N CYS B 49 8.63 -8.97 9.50
CA CYS B 49 7.21 -8.79 9.36
C CYS B 49 6.53 -10.10 9.77
N LYS B 50 5.86 -10.09 10.92
CA LYS B 50 5.19 -11.23 11.52
C LYS B 50 4.08 -11.82 10.65
N ASN B 51 3.30 -10.96 9.97
CA ASN B 51 2.17 -11.45 9.16
C ASN B 51 2.31 -11.10 7.67
N CYS B 52 3.54 -11.06 7.11
CA CYS B 52 3.70 -10.68 5.71
C CYS B 52 3.22 -11.75 4.71
N THR B 53 2.48 -12.77 5.18
CA THR B 53 1.84 -13.74 4.28
C THR B 53 0.50 -13.16 3.73
N SER B 54 -0.05 -12.08 4.33
CA SER B 54 -1.24 -11.40 3.80
C SER B 54 -0.67 -10.34 2.81
N ASP B 55 -1.14 -10.34 1.55
CA ASP B 55 -0.57 -9.45 0.53
C ASP B 55 -0.71 -7.95 0.87
N SER B 56 -1.84 -7.53 1.43
CA SER B 56 -2.05 -6.15 1.85
C SER B 56 -1.00 -5.74 2.89
N VAL B 57 -0.81 -6.57 3.93
CA VAL B 57 0.18 -6.28 4.97
C VAL B 57 1.59 -6.25 4.38
N ARG B 58 1.92 -7.23 3.50
CA ARG B 58 3.25 -7.28 2.88
C ARG B 58 3.53 -6.02 2.07
N GLU B 59 2.52 -5.55 1.33
CA GLU B 59 2.68 -4.32 0.55
C GLU B 59 2.91 -3.09 1.46
N LYS B 60 2.18 -3.00 2.58
CA LYS B 60 2.34 -1.87 3.50
C LYS B 60 3.72 -1.89 4.17
N PHE B 61 4.18 -3.10 4.56
CA PHE B 61 5.49 -3.26 5.16
C PHE B 61 6.59 -2.82 4.18
N LEU B 62 6.54 -3.33 2.94
CA LEU B 62 7.56 -3.02 1.93
C LEU B 62 7.52 -1.59 1.41
N GLN B 63 6.39 -0.87 1.58
CA GLN B 63 6.27 0.52 1.12
C GLN B 63 7.35 1.40 1.77
N GLU B 64 7.75 1.06 3.02
CA GLU B 64 8.81 1.83 3.68
C GLU B 64 10.11 1.73 2.91
N ALA B 65 10.42 0.55 2.36
CA ALA B 65 11.62 0.35 1.56
C ALA B 65 11.53 1.12 0.25
N LEU B 66 10.36 1.08 -0.45
CA LEU B 66 10.17 1.83 -1.68
C LEU B 66 10.36 3.33 -1.43
N THR B 67 9.89 3.82 -0.29
CA THR B 67 10.01 5.22 0.06
C THR B 67 11.48 5.57 0.36
N MET B 68 12.11 4.81 1.24
CA MET B 68 13.50 5.08 1.67
C MET B 68 14.51 5.04 0.57
N ARG B 69 14.26 4.21 -0.43
CA ARG B 69 15.14 4.02 -1.58
C ARG B 69 15.33 5.36 -2.35
N GLN B 70 14.34 6.26 -2.28
CA GLN B 70 14.41 7.53 -3.01
C GLN B 70 15.31 8.56 -2.34
N PHE B 71 15.74 8.31 -1.09
CA PHE B 71 16.51 9.30 -0.35
C PHE B 71 17.98 9.00 -0.21
N ASP B 72 18.79 10.05 -0.15
CA ASP B 72 20.21 9.93 0.07
C ASP B 72 20.63 11.20 0.78
N HIS B 73 20.68 11.14 2.10
CA HIS B 73 21.07 12.32 2.89
C HIS B 73 21.88 11.89 4.11
N PRO B 74 22.87 12.68 4.55
CA PRO B 74 23.67 12.29 5.73
C PRO B 74 22.88 12.11 7.03
N HIS B 75 21.70 12.71 7.14
CA HIS B 75 20.90 12.59 8.35
C HIS B 75 19.59 11.84 8.16
N ILE B 76 19.54 10.95 7.17
CA ILE B 76 18.43 10.04 6.93
C ILE B 76 19.06 8.64 6.86
N VAL B 77 18.47 7.67 7.56
CA VAL B 77 18.99 6.30 7.54
C VAL B 77 18.91 5.73 6.12
N LYS B 78 19.99 5.12 5.67
CA LYS B 78 20.09 4.58 4.33
C LYS B 78 19.47 3.16 4.23
N LEU B 79 18.73 2.92 3.15
CA LEU B 79 18.21 1.60 2.88
C LEU B 79 19.35 0.77 2.24
N ILE B 80 19.64 -0.41 2.79
CA ILE B 80 20.64 -1.28 2.20
C ILE B 80 19.95 -2.17 1.16
N GLY B 81 18.79 -2.70 1.51
CA GLY B 81 18.04 -3.53 0.58
C GLY B 81 16.90 -4.27 1.23
N VAL B 82 16.27 -5.18 0.46
CA VAL B 82 15.13 -5.97 0.92
C VAL B 82 15.30 -7.43 0.52
N ILE B 83 14.62 -8.31 1.24
CA ILE B 83 14.53 -9.71 0.87
C ILE B 83 13.04 -9.93 0.74
N THR B 84 12.53 -10.09 -0.48
CA THR B 84 11.09 -10.17 -0.71
C THR B 84 10.51 -11.59 -0.61
N GLU B 85 11.37 -12.62 -0.45
CA GLU B 85 10.86 -13.98 -0.26
C GLU B 85 10.63 -14.18 1.25
N ASN B 86 9.60 -14.95 1.63
CA ASN B 86 9.31 -15.15 3.05
C ASN B 86 10.46 -15.85 3.78
N PRO B 87 10.87 -15.37 4.97
CA PRO B 87 10.33 -14.19 5.69
C PRO B 87 10.87 -12.88 5.13
N VAL B 88 9.98 -11.95 4.84
CA VAL B 88 10.35 -10.68 4.24
C VAL B 88 11.14 -9.82 5.22
N TRP B 89 12.25 -9.25 4.76
CA TRP B 89 13.08 -8.37 5.59
C TRP B 89 13.38 -7.05 4.88
N ILE B 90 13.54 -5.99 5.67
CA ILE B 90 14.02 -4.72 5.18
C ILE B 90 15.33 -4.49 5.89
N ILE B 91 16.40 -4.23 5.13
CA ILE B 91 17.73 -4.04 5.67
C ILE B 91 18.14 -2.59 5.56
N MET B 92 18.53 -1.98 6.68
CA MET B 92 18.92 -0.58 6.72
C MET B 92 20.30 -0.44 7.38
N GLU B 93 21.01 0.68 7.14
CA GLU B 93 22.31 0.89 7.80
C GLU B 93 22.04 1.16 9.28
N LEU B 94 22.77 0.49 10.17
CA LEU B 94 22.53 0.62 11.61
C LEU B 94 23.10 1.90 12.21
N CYS B 95 22.25 2.57 12.98
CA CYS B 95 22.69 3.70 13.81
C CYS B 95 23.00 3.02 15.12
N THR B 96 24.27 2.74 15.38
CA THR B 96 24.68 1.93 16.52
C THR B 96 24.27 2.43 17.90
N LEU B 97 24.10 3.76 18.11
CA LEU B 97 23.78 4.24 19.46
C LEU B 97 22.27 4.19 19.78
N GLY B 98 21.45 3.70 18.86
CA GLY B 98 20.03 3.48 19.10
C GLY B 98 19.11 4.68 19.07
N GLU B 99 18.02 4.55 19.80
CA GLU B 99 16.94 5.52 19.85
C GLU B 99 17.34 6.83 20.50
N LEU B 100 16.94 7.96 19.88
CA LEU B 100 17.28 9.28 20.42
C LEU B 100 16.70 9.51 21.82
N ARG B 101 15.46 9.12 22.08
CA ARG B 101 14.83 9.38 23.38
C ARG B 101 15.60 8.72 24.53
N SER B 102 15.98 7.44 24.39
CA SER B 102 16.74 6.75 25.46
C SER B 102 18.11 7.39 25.58
N PHE B 103 18.75 7.72 24.43
CA PHE B 103 20.06 8.36 24.42
C PHE B 103 20.05 9.68 25.21
N LEU B 104 19.00 10.50 25.01
CA LEU B 104 18.90 11.79 25.69
C LEU B 104 18.64 11.64 27.18
N GLN B 105 17.81 10.65 27.56
CA GLN B 105 17.46 10.38 28.97
C GLN B 105 18.71 9.94 29.73
N VAL B 106 19.49 9.00 29.15
CA VAL B 106 20.70 8.47 29.77
C VAL B 106 21.79 9.55 29.89
N ARG B 107 21.84 10.50 28.94
CA ARG B 107 22.83 11.56 28.96
C ARG B 107 22.27 12.92 29.36
N LYS B 108 21.23 12.92 30.19
CA LYS B 108 20.51 14.09 30.67
C LYS B 108 21.43 15.13 31.34
N TYR B 109 22.48 14.68 32.03
CA TYR B 109 23.39 15.60 32.73
C TYR B 109 24.79 15.71 32.11
N SER B 110 25.06 14.99 31.02
CA SER B 110 26.38 15.03 30.39
C SER B 110 26.35 15.76 29.04
N LEU B 111 25.22 15.70 28.33
CA LEU B 111 25.09 16.37 27.04
C LEU B 111 24.89 17.85 27.25
N ASP B 112 25.62 18.70 26.51
CA ASP B 112 25.45 20.14 26.64
C ASP B 112 24.33 20.62 25.76
N LEU B 113 23.86 21.85 25.99
CA LEU B 113 22.81 22.47 25.20
C LEU B 113 23.21 22.54 23.71
N ALA B 114 24.53 22.74 23.44
CA ALA B 114 25.05 22.79 22.07
C ALA B 114 24.76 21.49 21.32
N SER B 115 24.85 20.34 22.02
CA SER B 115 24.55 19.06 21.39
C SER B 115 23.07 18.93 21.08
N LEU B 116 22.17 19.37 21.99
CA LEU B 116 20.73 19.30 21.72
C LEU B 116 20.35 20.17 20.53
N ILE B 117 20.91 21.39 20.45
CA ILE B 117 20.63 22.27 19.32
C ILE B 117 21.18 21.65 18.03
N LEU B 118 22.39 21.02 18.10
CA LEU B 118 22.96 20.36 16.92
C LEU B 118 22.02 19.26 16.41
N TYR B 119 21.40 18.48 17.33
CA TYR B 119 20.51 17.40 16.89
C TYR B 119 19.28 18.02 16.19
N ALA B 120 18.72 19.11 16.75
CA ALA B 120 17.56 19.77 16.13
C ALA B 120 17.94 20.31 14.73
N TYR B 121 19.15 20.88 14.62
CA TYR B 121 19.66 21.39 13.35
C TYR B 121 19.82 20.25 12.33
N GLN B 122 20.49 19.12 12.71
CA GLN B 122 20.66 18.02 11.77
C GLN B 122 19.33 17.47 11.31
N LEU B 123 18.35 17.35 12.23
CA LEU B 123 17.02 16.87 11.81
C LEU B 123 16.38 17.89 10.84
N SER B 124 16.57 19.18 11.09
CA SER B 124 16.04 20.21 10.18
C SER B 124 16.67 20.08 8.77
N THR B 125 17.96 19.65 8.67
CA THR B 125 18.57 19.50 7.34
C THR B 125 17.93 18.28 6.63
N ALA B 126 17.65 17.19 7.38
CA ALA B 126 16.98 16.00 6.79
C ALA B 126 15.60 16.41 6.31
N LEU B 127 14.86 17.18 7.09
CA LEU B 127 13.50 17.60 6.75
C LEU B 127 13.49 18.65 5.62
N ALA B 128 14.52 19.50 5.53
CA ALA B 128 14.64 20.45 4.39
C ALA B 128 14.87 19.60 3.12
N TYR B 129 15.67 18.51 3.24
CA TYR B 129 15.94 17.66 2.09
C TYR B 129 14.62 16.97 1.66
N LEU B 130 13.86 16.42 2.61
CA LEU B 130 12.55 15.79 2.27
C LEU B 130 11.60 16.82 1.67
N GLU B 131 11.58 18.05 2.20
CA GLU B 131 10.74 19.12 1.68
C GLU B 131 11.16 19.43 0.23
N SER B 132 12.48 19.40 -0.09
CA SER B 132 12.94 19.66 -1.46
C SER B 132 12.46 18.58 -2.45
N LYS B 133 12.15 17.36 -1.92
CA LYS B 133 11.61 16.24 -2.69
C LYS B 133 10.09 16.17 -2.61
N ARG B 134 9.42 17.18 -1.96
CA ARG B 134 7.97 17.24 -1.80
C ARG B 134 7.45 15.99 -1.11
N PHE B 135 8.19 15.52 -0.12
CA PHE B 135 7.80 14.35 0.65
C PHE B 135 7.22 14.82 1.95
N VAL B 136 6.03 14.30 2.31
CA VAL B 136 5.38 14.62 3.57
C VAL B 136 5.49 13.36 4.44
N HIS B 137 6.11 13.49 5.60
CA HIS B 137 6.44 12.37 6.47
C HIS B 137 5.25 11.88 7.30
N ARG B 138 4.50 12.83 7.91
CA ARG B 138 3.32 12.57 8.73
C ARG B 138 3.58 12.01 10.14
N ASP B 139 4.82 11.68 10.49
CA ASP B 139 5.11 11.05 11.79
C ASP B 139 6.45 11.52 12.35
N ILE B 140 6.70 12.84 12.35
CA ILE B 140 7.93 13.38 12.90
C ILE B 140 7.81 13.38 14.41
N ALA B 141 8.75 12.73 15.08
CA ALA B 141 8.73 12.56 16.54
C ALA B 141 10.10 12.04 16.96
N ALA B 142 10.54 12.35 18.17
CA ALA B 142 11.87 11.92 18.63
C ALA B 142 12.00 10.37 18.61
N ARG B 143 10.86 9.65 18.76
CA ARG B 143 10.88 8.17 18.71
C ARG B 143 11.36 7.68 17.33
N ASN B 144 11.26 8.50 16.27
CA ASN B 144 11.69 8.06 14.95
C ASN B 144 13.10 8.54 14.58
N VAL B 145 13.82 9.10 15.54
CA VAL B 145 15.17 9.57 15.30
C VAL B 145 16.12 8.62 15.96
N LEU B 146 17.23 8.34 15.28
CA LEU B 146 18.25 7.46 15.80
C LEU B 146 19.57 8.19 15.96
N VAL B 147 20.48 7.61 16.75
CA VAL B 147 21.77 8.19 17.02
C VAL B 147 22.86 7.35 16.40
N SER B 148 23.56 7.92 15.42
CA SER B 148 24.65 7.28 14.70
C SER B 148 26.01 7.46 15.45
N SER B 149 26.17 8.60 16.13
CA SER B 149 27.34 8.92 16.95
C SER B 149 26.94 10.07 17.91
N ASN B 150 27.79 10.40 18.90
CA ASN B 150 27.49 11.51 19.81
C ASN B 150 27.21 12.83 19.08
N ASP B 151 27.72 12.98 17.85
CA ASP B 151 27.54 14.22 17.09
C ASP B 151 26.74 14.00 15.80
N CYS B 152 25.93 12.94 15.74
CA CYS B 152 25.16 12.66 14.53
C CYS B 152 23.89 11.90 14.79
N VAL B 153 22.75 12.50 14.43
CA VAL B 153 21.47 11.84 14.53
C VAL B 153 20.89 11.69 13.10
N LYS B 154 20.00 10.70 12.92
CA LYS B 154 19.36 10.49 11.63
C LYS B 154 17.89 10.17 11.77
N LEU B 155 17.08 10.64 10.84
CA LEU B 155 15.66 10.30 10.79
C LEU B 155 15.63 8.84 10.29
N GLY B 156 15.03 7.95 11.09
CA GLY B 156 15.17 6.53 10.82
C GLY B 156 13.95 5.65 10.63
N ASP B 157 12.78 6.25 10.50
CA ASP B 157 11.57 5.47 10.29
C ASP B 157 10.67 6.21 9.32
N PHE B 158 10.23 5.49 8.27
CA PHE B 158 9.31 5.97 7.25
C PHE B 158 8.20 4.91 7.05
N GLY B 159 7.87 4.17 8.10
CA GLY B 159 6.88 3.10 8.00
C GLY B 159 5.46 3.59 8.08
N LEU B 160 4.54 2.75 7.57
CA LEU B 160 3.10 2.96 7.58
C LEU B 160 2.52 2.41 8.90
N LYS B 176 -3.91 3.66 15.04
CA LYS B 176 -3.27 4.46 16.09
C LYS B 176 -2.64 5.74 15.51
N LEU B 177 -3.13 6.91 15.96
CA LEU B 177 -2.56 8.18 15.49
C LEU B 177 -1.70 8.85 16.55
N PRO B 178 -0.61 9.51 16.11
CA PRO B 178 0.23 10.28 17.06
C PRO B 178 -0.34 11.67 17.35
N ILE B 179 -1.54 11.71 17.94
CA ILE B 179 -2.28 12.92 18.27
C ILE B 179 -1.47 14.00 18.96
N LYS B 180 -0.64 13.63 19.96
CA LYS B 180 0.12 14.64 20.72
C LYS B 180 1.21 15.35 19.93
N TRP B 181 1.50 14.87 18.73
CA TRP B 181 2.48 15.47 17.84
C TRP B 181 1.83 16.16 16.63
N MET B 182 0.55 15.86 16.33
CA MET B 182 -0.10 16.30 15.12
C MET B 182 -0.56 17.73 15.09
N ALA B 183 -0.45 18.32 13.89
CA ALA B 183 -0.95 19.68 13.66
C ALA B 183 -2.49 19.65 13.83
N PRO B 184 -3.12 20.77 14.23
CA PRO B 184 -4.59 20.78 14.42
C PRO B 184 -5.38 20.39 13.18
N GLU B 185 -4.93 20.79 11.96
CA GLU B 185 -5.65 20.41 10.75
C GLU B 185 -5.56 18.89 10.49
N SER B 186 -4.46 18.24 10.94
CA SER B 186 -4.29 16.78 10.81
C SER B 186 -5.26 16.07 11.76
N ILE B 187 -5.44 16.58 12.99
CA ILE B 187 -6.37 15.97 13.94
C ILE B 187 -7.82 16.22 13.49
N ASN B 188 -8.15 17.46 13.13
CA ASN B 188 -9.52 17.81 12.75
C ASN B 188 -10.00 17.28 11.40
N PHE B 189 -9.12 17.26 10.39
CA PHE B 189 -9.52 16.91 9.03
C PHE B 189 -8.71 15.80 8.36
N ARG B 190 -7.73 15.22 9.07
CA ARG B 190 -6.83 14.22 8.48
C ARG B 190 -6.00 14.82 7.31
N ARG B 191 -5.73 16.12 7.35
CA ARG B 191 -4.98 16.80 6.31
C ARG B 191 -3.49 16.76 6.71
N PHE B 192 -2.64 16.24 5.85
CA PHE B 192 -1.20 16.16 6.13
C PHE B 192 -0.45 16.81 4.98
N THR B 193 0.28 17.88 5.27
CA THR B 193 1.00 18.64 4.25
C THR B 193 2.43 18.96 4.76
N SER B 194 3.23 19.68 3.94
CA SER B 194 4.53 20.13 4.38
C SER B 194 4.39 21.00 5.66
N ALA B 195 3.30 21.84 5.77
CA ALA B 195 3.07 22.68 6.95
C ALA B 195 2.79 21.85 8.20
N SER B 196 2.08 20.71 8.05
CA SER B 196 1.79 19.89 9.25
C SER B 196 3.08 19.21 9.74
N ASP B 197 4.00 18.84 8.83
CA ASP B 197 5.29 18.30 9.23
C ASP B 197 6.09 19.32 10.08
N VAL B 198 5.96 20.62 9.76
CA VAL B 198 6.68 21.66 10.52
C VAL B 198 6.14 21.73 11.94
N TRP B 199 4.82 21.60 12.11
CA TRP B 199 4.22 21.56 13.46
C TRP B 199 4.85 20.37 14.25
N MET B 200 4.91 19.19 13.63
CA MET B 200 5.46 17.98 14.27
C MET B 200 6.91 18.17 14.61
N PHE B 201 7.66 18.81 13.70
CA PHE B 201 9.08 19.08 13.95
C PHE B 201 9.24 20.02 15.17
N GLY B 202 8.33 20.96 15.36
CA GLY B 202 8.35 21.81 16.55
C GLY B 202 8.20 20.99 17.82
N VAL B 203 7.30 19.98 17.79
CA VAL B 203 7.13 19.07 18.94
C VAL B 203 8.41 18.26 19.14
N CYS B 204 8.99 17.77 18.05
CA CYS B 204 10.23 17.00 18.13
C CYS B 204 11.37 17.83 18.76
N MET B 205 11.48 19.10 18.39
CA MET B 205 12.48 20.00 18.98
C MET B 205 12.21 20.16 20.47
N TRP B 206 10.94 20.27 20.88
CA TRP B 206 10.59 20.38 22.30
C TRP B 206 11.05 19.11 23.04
N GLU B 207 10.77 17.92 22.47
CA GLU B 207 11.18 16.61 23.05
C GLU B 207 12.68 16.57 23.23
N ILE B 208 13.47 17.02 22.23
CA ILE B 208 14.92 17.01 22.34
C ILE B 208 15.38 17.93 23.49
N LEU B 209 14.85 19.16 23.55
CA LEU B 209 15.21 20.11 24.60
C LEU B 209 14.73 19.67 26.00
N MET B 210 13.72 18.77 26.04
CA MET B 210 13.21 18.16 27.27
C MET B 210 13.93 16.84 27.61
N HIS B 211 14.99 16.47 26.87
CA HIS B 211 15.79 15.27 27.10
C HIS B 211 14.99 13.99 26.97
N GLY B 212 14.13 13.94 25.96
CA GLY B 212 13.34 12.76 25.67
C GLY B 212 12.08 12.57 26.48
N VAL B 213 11.52 13.65 27.04
CA VAL B 213 10.23 13.57 27.73
C VAL B 213 9.13 13.72 26.66
N LYS B 214 8.06 12.92 26.75
CA LYS B 214 6.97 12.96 25.77
C LYS B 214 6.07 14.17 25.98
N PRO B 215 5.54 14.75 24.88
CA PRO B 215 4.63 15.89 25.04
C PRO B 215 3.29 15.47 25.64
N PHE B 216 2.67 16.38 26.40
CA PHE B 216 1.35 16.16 26.96
C PHE B 216 1.23 14.87 27.79
N GLN B 217 2.21 14.63 28.66
CA GLN B 217 2.18 13.45 29.55
C GLN B 217 0.98 13.57 30.49
N GLY B 218 0.20 12.51 30.60
CA GLY B 218 -0.97 12.47 31.47
C GLY B 218 -2.26 12.98 30.83
N VAL B 219 -2.16 13.60 29.65
CA VAL B 219 -3.32 14.16 28.96
C VAL B 219 -3.88 13.10 28.01
N LYS B 220 -5.21 12.93 27.99
CA LYS B 220 -5.83 11.98 27.07
C LYS B 220 -5.74 12.55 25.63
N ASN B 221 -5.55 11.68 24.63
CA ASN B 221 -5.46 12.08 23.23
C ASN B 221 -6.64 12.94 22.77
N ASN B 222 -7.88 12.57 23.18
CA ASN B 222 -9.06 13.34 22.78
C ASN B 222 -9.12 14.76 23.39
N ASP B 223 -8.30 15.05 24.41
CA ASP B 223 -8.29 16.38 25.04
C ASP B 223 -7.26 17.35 24.41
N VAL B 224 -6.30 16.83 23.67
CA VAL B 224 -5.24 17.66 23.09
C VAL B 224 -5.79 18.73 22.13
N ILE B 225 -6.71 18.39 21.21
CA ILE B 225 -7.25 19.40 20.26
C ILE B 225 -7.98 20.53 21.00
N GLY B 226 -8.66 20.22 22.11
CA GLY B 226 -9.29 21.26 22.91
C GLY B 226 -8.27 22.23 23.48
N ARG B 227 -7.13 21.73 23.97
CA ARG B 227 -6.09 22.60 24.54
C ARG B 227 -5.46 23.46 23.44
N ILE B 228 -5.19 22.86 22.28
CA ILE B 228 -4.61 23.59 21.16
C ILE B 228 -5.57 24.72 20.71
N GLU B 229 -6.85 24.42 20.59
CA GLU B 229 -7.85 25.41 20.17
C GLU B 229 -8.20 26.44 21.24
N ASN B 230 -7.74 26.21 22.46
CA ASN B 230 -7.78 27.21 23.52
C ASN B 230 -6.49 28.09 23.49
N GLY B 231 -5.60 27.89 22.52
CA GLY B 231 -4.37 28.65 22.40
C GLY B 231 -3.21 28.10 23.21
N GLU B 232 -3.41 26.99 23.93
CA GLU B 232 -2.35 26.38 24.75
C GLU B 232 -1.30 25.72 23.89
N ARG B 233 -0.04 25.87 24.30
CA ARG B 233 1.09 25.25 23.64
C ARG B 233 2.00 24.61 24.71
N LEU B 234 2.90 23.72 24.27
CA LEU B 234 3.90 23.11 25.16
C LEU B 234 4.79 24.24 25.74
N PRO B 235 5.06 24.19 27.06
CA PRO B 235 5.83 25.30 27.67
C PRO B 235 7.30 25.28 27.29
N MET B 236 8.00 26.41 27.53
CA MET B 236 9.42 26.50 27.24
C MET B 236 10.20 25.54 28.13
N PRO B 237 10.95 24.61 27.52
CA PRO B 237 11.77 23.69 28.33
C PRO B 237 12.81 24.45 29.17
N PRO B 238 13.14 23.96 30.37
CA PRO B 238 14.16 24.65 31.18
C PRO B 238 15.49 24.69 30.43
N ASN B 239 16.18 25.83 30.48
CA ASN B 239 17.46 26.06 29.77
C ASN B 239 17.34 26.12 28.24
N CYS B 240 16.10 26.18 27.72
CA CYS B 240 15.91 26.34 26.29
C CYS B 240 16.13 27.82 25.99
N PRO B 241 16.99 28.14 25.02
CA PRO B 241 17.20 29.56 24.69
C PRO B 241 15.90 30.17 24.18
N PRO B 242 15.51 31.36 24.69
CA PRO B 242 14.27 31.99 24.23
C PRO B 242 14.12 32.10 22.72
N THR B 243 15.25 32.25 21.98
CA THR B 243 15.21 32.29 20.51
C THR B 243 14.73 30.94 19.93
N LEU B 244 15.15 29.84 20.54
CA LEU B 244 14.74 28.52 20.10
C LEU B 244 13.28 28.27 20.43
N TYR B 245 12.82 28.71 21.60
CA TYR B 245 11.41 28.54 21.96
C TYR B 245 10.54 29.38 21.05
N SER B 246 10.99 30.59 20.66
CA SER B 246 10.24 31.42 19.71
C SER B 246 10.10 30.68 18.38
N LEU B 247 11.15 29.98 17.94
CA LEU B 247 11.12 29.20 16.72
C LEU B 247 10.08 28.06 16.85
N MET B 248 10.03 27.37 18.01
CA MET B 248 9.03 26.31 18.25
C MET B 248 7.61 26.91 18.16
N THR B 249 7.39 28.10 18.77
CA THR B 249 6.07 28.73 18.73
C THR B 249 5.65 29.09 17.30
N LYS B 250 6.61 29.39 16.42
CA LYS B 250 6.31 29.66 15.01
C LYS B 250 5.88 28.38 14.31
N CYS B 251 6.52 27.25 14.65
CA CYS B 251 6.11 25.95 14.10
C CYS B 251 4.68 25.61 14.52
N TRP B 252 4.22 26.15 15.69
CA TRP B 252 2.90 25.86 16.24
C TRP B 252 1.86 26.94 15.97
N ALA B 253 2.01 27.65 14.83
CA ALA B 253 0.97 28.59 14.42
C ALA B 253 -0.28 27.73 14.09
N TYR B 254 -1.47 28.12 14.57
CA TYR B 254 -2.68 27.36 14.28
C TYR B 254 -2.95 27.37 12.75
N ASP B 255 -2.69 28.54 12.11
CA ASP B 255 -2.84 28.73 10.68
C ASP B 255 -1.59 28.09 10.02
N PRO B 256 -1.79 27.03 9.23
CA PRO B 256 -0.64 26.36 8.59
C PRO B 256 0.17 27.29 7.71
N SER B 257 -0.51 28.26 7.03
CA SER B 257 0.18 29.19 6.13
C SER B 257 1.16 30.11 6.85
N ARG B 258 1.04 30.26 8.17
CA ARG B 258 1.94 31.10 8.95
C ARG B 258 3.22 30.38 9.43
N ARG B 259 3.28 29.05 9.29
CA ARG B 259 4.45 28.30 9.77
C ARG B 259 5.62 28.46 8.81
N PRO B 260 6.86 28.53 9.34
CA PRO B 260 8.01 28.65 8.42
C PRO B 260 8.19 27.36 7.63
N ARG B 261 8.97 27.45 6.55
CA ARG B 261 9.40 26.27 5.79
C ARG B 261 10.77 25.83 6.35
N PHE B 262 11.22 24.62 5.95
CA PHE B 262 12.46 24.06 6.52
C PHE B 262 13.72 24.81 6.09
N THR B 263 13.75 25.52 4.93
CA THR B 263 14.92 26.34 4.56
C THR B 263 15.17 27.43 5.62
N GLU B 264 14.09 28.10 6.06
CA GLU B 264 14.18 29.14 7.10
C GLU B 264 14.52 28.52 8.47
N LEU B 265 13.90 27.37 8.81
CA LEU B 265 14.13 26.70 10.10
C LEU B 265 15.59 26.29 10.21
N LYS B 266 16.15 25.73 9.15
CA LYS B 266 17.55 25.29 9.10
C LYS B 266 18.50 26.50 9.27
N ALA B 267 18.23 27.63 8.58
CA ALA B 267 19.07 28.80 8.72
C ALA B 267 18.99 29.37 10.14
N GLN B 268 17.78 29.42 10.74
CA GLN B 268 17.61 29.95 12.10
C GLN B 268 18.25 29.05 13.15
N LEU B 269 18.15 27.74 12.98
CA LEU B 269 18.78 26.79 13.90
C LEU B 269 20.30 26.88 13.82
N SER B 270 20.85 27.07 12.61
CA SER B 270 22.30 27.24 12.46
C SER B 270 22.79 28.46 13.23
N THR B 271 22.04 29.57 13.19
CA THR B 271 22.40 30.78 13.94
C THR B 271 22.36 30.51 15.44
N ILE B 272 21.29 29.86 15.92
CA ILE B 272 21.12 29.56 17.34
C ILE B 272 22.25 28.65 17.84
N LEU B 273 22.64 27.67 17.01
CA LEU B 273 23.72 26.74 17.33
C LEU B 273 25.04 27.48 17.47
N GLU B 274 25.32 28.39 16.53
CA GLU B 274 26.57 29.17 16.60
C GLU B 274 26.60 30.12 17.78
N GLU B 275 25.44 30.71 18.14
CA GLU B 275 25.32 31.59 19.30
C GLU B 275 25.60 30.80 20.58
N GLU B 276 25.11 29.56 20.67
CA GLU B 276 25.36 28.72 21.84
C GLU B 276 26.82 28.24 21.91
N LYS B 277 27.42 27.86 20.76
CA LYS B 277 28.82 27.44 20.70
C LYS B 277 29.76 28.55 21.20
N ALA B 278 29.44 29.81 20.87
CA ALA B 278 30.24 30.97 21.28
C ALA B 278 30.16 31.23 22.78
N GLN B 279 29.02 30.92 23.41
CA GLN B 279 28.86 31.12 24.84
C GLN B 279 29.36 29.90 25.62
C2 PKE C . -12.83 0.68 -13.99
C9 PKE C . -16.56 -0.97 -14.51
C10 PKE C . -16.21 -2.35 -15.01
C11 PKE C . -15.70 -3.34 -14.16
C12 PKE C . -15.35 -4.58 -14.67
C13 PKE C . -15.53 -4.82 -16.02
C15 PKE C . -16.35 -2.72 -16.36
C20 PKE C . -18.89 -3.06 -18.59
C22 PKE C . -12.42 1.42 -16.39
C24 PKE C . -13.58 0.89 -18.45
C27 PKE C . -11.96 2.69 -18.38
N1 PKE C . -14.08 0.23 -14.17
N3 PKE C . -12.16 0.75 -12.83
C4 PKE C . -12.83 0.31 -11.76
C5 PKE C . -14.11 -0.18 -11.81
C6 PKE C . -14.71 -0.21 -13.07
N7 PKE C . -15.98 -0.67 -13.22
N8 PKE C . -12.13 1.20 -15.04
N14 PKE C . -16.02 -3.91 -16.86
N16 PKE C . -16.90 -1.76 -17.28
S17 PKE C . -18.52 -1.74 -17.51
C18 PKE C . -16.05 -1.40 -18.42
O19 PKE C . -18.82 -0.51 -18.16
O21 PKE C . -19.12 -2.01 -16.25
C23 PKE C . -11.72 2.45 -17.03
C25 PKE C . -13.33 0.65 -17.10
C26 PKE C . -12.88 1.93 -19.07
C28 PKE C . -11.39 3.70 -19.33
C29 PKE C . -12.12 3.41 -20.62
N30 PKE C . -12.97 2.38 -20.38
O31 PKE C . -11.99 4.00 -21.69
S SO4 D . -14.30 -25.79 0.30
O1 SO4 D . -15.16 -26.62 1.14
O2 SO4 D . -12.95 -25.94 0.73
O3 SO4 D . -14.46 -26.16 -1.09
O4 SO4 D . -14.68 -24.37 0.47
C2 PKE E . 18.68 1.54 14.11
C9 PKE E . 14.66 0.61 14.07
C10 PKE E . 13.97 1.83 14.63
C11 PKE E . 13.92 3.03 13.92
C12 PKE E . 13.29 4.14 14.49
C13 PKE E . 12.72 4.00 15.74
C15 PKE E . 13.36 1.83 15.89
C20 PKE E . 10.95 0.34 17.82
C22 PKE E . 19.17 1.00 16.56
C24 PKE E . 17.67 0.64 18.42
C27 PKE E . 20.00 -0.06 18.55
N1 PKE E . 17.40 1.15 14.10
N3 PKE E . 19.38 1.99 13.07
C4 PKE E . 18.72 2.06 11.91
C5 PKE E . 17.40 1.69 11.77
C6 PKE E . 16.76 1.23 12.92
N7 PKE E . 15.46 0.85 12.88
N8 PKE E . 19.42 1.46 15.25
N14 PKE E . 12.74 2.87 16.45
N16 PKE E . 13.40 0.61 16.65
S17 PKE E . 12.07 -0.34 16.66
C18 PKE E . 14.20 0.64 17.88
O19 PKE E . 12.49 -1.62 17.12
O21 PKE E . 11.50 -0.23 15.36
C23 PKE E . 20.21 0.42 17.27
C25 PKE E . 17.90 1.12 17.14
C26 PKE E . 18.72 0.05 19.11
C28 PKE E . 20.88 -0.73 19.55
C29 PKE E . 19.95 -1.02 20.71
N30 PKE E . 18.74 -0.52 20.39
O31 PKE E . 20.23 -1.61 21.74
#